data_6JF9
#
_entry.id   6JF9
#
_cell.length_a   44.486
_cell.length_b   122.045
_cell.length_c   149.380
_cell.angle_alpha   90.000
_cell.angle_beta   90.000
_cell.angle_gamma   90.000
#
_symmetry.space_group_name_H-M   'C 2 2 21'
#
loop_
_entity.id
_entity.type
_entity.pdbx_description
1 polymer 'Peptide deformylase'
2 non-polymer 'NICKEL (II) ION'
3 non-polymer GLYCEROL
4 water water
#
_entity_poly.entity_id   1
_entity_poly.type   'polypeptide(L)'
_entity_poly.pdbx_seq_one_letter_code
;IREILKMGDERLLRIAQPVPSELLGSEELQRLIDDMFETMHHVGGVGLAAPQIGVDLQLVIFGFERSERYPDAPAVPPTI
LLNPRITPLDDEMEEGWEGCLSVPGLRGAVSRHRRIRYQGLDPQGQPIDRSVEGFHARVVQHECDHLIGRLYPSRITDFS
KFGFTEVLFP
;
_entity_poly.pdbx_strand_id   A,B
#
loop_
_chem_comp.id
_chem_comp.type
_chem_comp.name
_chem_comp.formula
GOL non-polymer GLYCEROL 'C3 H8 O3'
NI non-polymer 'NICKEL (II) ION' 'Ni 2'
#
# COMPACT_ATOMS: atom_id res chain seq x y z
N ILE A 1 -13.00 -19.04 -8.31
CA ILE A 1 -12.30 -19.97 -7.34
C ILE A 1 -11.48 -21.03 -8.13
N ARG A 2 -10.23 -21.23 -7.70
CA ARG A 2 -9.29 -22.20 -8.29
C ARG A 2 -8.85 -23.11 -7.12
N GLU A 3 -8.32 -24.28 -7.48
CA GLU A 3 -7.76 -25.24 -6.54
C GLU A 3 -6.36 -24.84 -6.19
N ILE A 4 -6.06 -24.86 -4.90
CA ILE A 4 -4.68 -24.62 -4.48
C ILE A 4 -3.87 -25.88 -4.55
N LEU A 5 -2.69 -25.80 -5.18
CA LEU A 5 -1.86 -26.97 -5.37
C LEU A 5 -1.11 -27.26 -4.07
N LYS A 6 -0.86 -28.53 -3.86
CA LYS A 6 -0.15 -28.99 -2.69
C LYS A 6 1.26 -29.43 -2.95
N MET A 7 2.07 -29.30 -1.89
CA MET A 7 3.50 -29.61 -1.93
C MET A 7 3.68 -31.05 -2.48
N GLY A 8 4.58 -31.19 -3.44
CA GLY A 8 4.73 -32.37 -4.23
C GLY A 8 4.37 -32.10 -5.68
N ASP A 9 3.47 -31.15 -5.96
CA ASP A 9 3.08 -30.88 -7.34
C ASP A 9 4.27 -30.24 -8.01
N GLU A 10 4.61 -30.78 -9.17
CA GLU A 10 5.72 -30.25 -9.95
C GLU A 10 5.55 -28.77 -10.35
N ARG A 11 4.30 -28.28 -10.42
CA ARG A 11 4.00 -26.87 -10.82
C ARG A 11 4.43 -25.87 -9.77
N LEU A 12 4.57 -26.31 -8.51
CA LEU A 12 5.05 -25.46 -7.41
C LEU A 12 6.56 -25.27 -7.44
N LEU A 13 7.24 -26.08 -8.22
CA LEU A 13 8.73 -26.23 -8.19
C LEU A 13 9.44 -25.52 -9.35
N ARG A 14 8.66 -24.96 -10.26
CA ARG A 14 9.14 -24.32 -11.44
C ARG A 14 9.50 -22.82 -11.14
N ILE A 15 10.41 -22.28 -11.90
CA ILE A 15 10.65 -20.86 -11.95
C ILE A 15 9.53 -20.23 -12.76
N ALA A 16 8.81 -19.27 -12.22
CA ALA A 16 7.70 -18.66 -12.98
C ALA A 16 8.13 -17.66 -14.07
N GLN A 17 7.34 -17.56 -15.16
CA GLN A 17 7.62 -16.62 -16.20
C GLN A 17 7.12 -15.23 -15.83
N PRO A 18 7.74 -14.19 -16.37
CA PRO A 18 7.25 -12.84 -16.12
C PRO A 18 5.91 -12.58 -16.71
N VAL A 19 5.16 -11.66 -16.10
CA VAL A 19 3.97 -11.19 -16.72
C VAL A 19 4.36 -10.40 -17.92
N PRO A 20 3.88 -10.79 -19.08
CA PRO A 20 4.33 -10.10 -20.27
C PRO A 20 3.67 -8.75 -20.46
N SER A 21 4.35 -7.85 -21.16
CA SER A 21 3.87 -6.47 -21.25
C SER A 21 2.43 -6.32 -21.79
N GLU A 22 2.04 -7.14 -22.78
CA GLU A 22 0.66 -7.05 -23.33
C GLU A 22 -0.45 -7.38 -22.31
N LEU A 23 -0.12 -8.07 -21.22
CA LEU A 23 -1.13 -8.31 -20.17
C LEU A 23 -1.39 -7.17 -19.16
N LEU A 24 -0.46 -6.24 -19.09
CA LEU A 24 -0.54 -5.13 -18.10
C LEU A 24 -1.70 -4.27 -18.52
N GLY A 25 -2.61 -4.02 -17.61
CA GLY A 25 -3.74 -3.14 -17.83
C GLY A 25 -4.93 -3.95 -18.29
N SER A 26 -4.72 -5.20 -18.69
CA SER A 26 -5.74 -5.96 -19.44
C SER A 26 -6.82 -6.57 -18.53
N GLU A 27 -7.94 -6.85 -19.15
CA GLU A 27 -9.07 -7.57 -18.55
C GLU A 27 -8.74 -9.00 -18.21
N GLU A 28 -7.94 -9.66 -19.04
CA GLU A 28 -7.47 -11.03 -18.75
C GLU A 28 -6.69 -11.02 -17.42
N LEU A 29 -5.75 -10.06 -17.28
CA LEU A 29 -4.98 -10.01 -16.01
C LEU A 29 -5.92 -9.72 -14.82
N GLN A 30 -6.83 -8.75 -14.96
CA GLN A 30 -7.78 -8.43 -13.91
C GLN A 30 -8.60 -9.62 -13.42
N ARG A 31 -9.02 -10.43 -14.37
CA ARG A 31 -9.76 -11.64 -14.02
C ARG A 31 -8.93 -12.64 -13.26
N LEU A 32 -7.66 -12.84 -13.64
CA LEU A 32 -6.73 -13.67 -12.87
C LEU A 32 -6.58 -13.13 -11.46
N ILE A 33 -6.51 -11.82 -11.35
CA ILE A 33 -6.36 -11.25 -10.03
C ILE A 33 -7.63 -11.46 -9.16
N ASP A 34 -8.80 -11.23 -9.75
CA ASP A 34 -10.07 -11.41 -9.05
C ASP A 34 -10.16 -12.89 -8.60
N ASP A 35 -9.80 -13.85 -9.47
CA ASP A 35 -9.82 -15.28 -9.18
C ASP A 35 -8.88 -15.63 -8.01
N MET A 36 -7.69 -15.03 -8.02
CA MET A 36 -6.77 -15.17 -6.90
C MET A 36 -7.31 -14.58 -5.55
N PHE A 37 -7.86 -13.34 -5.53
CA PHE A 37 -8.40 -12.77 -4.28
C PHE A 37 -9.57 -13.66 -3.79
N GLU A 38 -10.38 -14.21 -4.68
CA GLU A 38 -11.53 -15.03 -4.25
C GLU A 38 -11.02 -16.32 -3.57
N THR A 39 -10.08 -16.96 -4.25
CA THR A 39 -9.44 -18.15 -3.71
C THR A 39 -8.80 -17.87 -2.33
N MET A 40 -7.97 -16.84 -2.22
CA MET A 40 -7.29 -16.56 -0.96
C MET A 40 -8.29 -16.25 0.20
N HIS A 41 -9.29 -15.42 -0.11
CA HIS A 41 -10.34 -15.08 0.82
C HIS A 41 -11.17 -16.33 1.21
N HIS A 42 -11.50 -17.21 0.27
CA HIS A 42 -12.27 -18.41 0.61
C HIS A 42 -11.58 -19.42 1.62
N VAL A 43 -10.24 -19.51 1.61
CA VAL A 43 -9.49 -20.37 2.55
C VAL A 43 -8.86 -19.59 3.71
N GLY A 44 -9.07 -18.27 3.80
CA GLY A 44 -8.54 -17.44 4.89
C GLY A 44 -7.05 -17.13 4.84
N GLY A 45 -6.46 -17.16 3.65
CA GLY A 45 -5.02 -16.92 3.51
C GLY A 45 -4.59 -15.43 3.58
N VAL A 46 -3.31 -15.21 3.86
CA VAL A 46 -2.69 -13.88 3.89
C VAL A 46 -1.90 -13.54 2.59
N GLY A 47 -1.62 -14.58 1.81
CA GLY A 47 -0.88 -14.39 0.53
C GLY A 47 -1.16 -15.56 -0.42
N LEU A 48 -1.02 -15.28 -1.72
CA LEU A 48 -1.18 -16.32 -2.67
C LEU A 48 -0.30 -15.91 -3.86
N ALA A 49 0.42 -16.89 -4.38
CA ALA A 49 1.19 -16.76 -5.63
C ALA A 49 0.53 -17.51 -6.77
N ALA A 50 0.67 -16.98 -7.97
CA ALA A 50 -0.04 -17.51 -9.13
C ALA A 50 0.33 -18.97 -9.36
N PRO A 51 1.57 -19.39 -9.16
CA PRO A 51 1.89 -20.83 -9.30
C PRO A 51 1.14 -21.73 -8.32
N GLN A 52 0.71 -21.21 -7.17
CA GLN A 52 -0.08 -22.02 -6.26
C GLN A 52 -1.42 -22.40 -6.87
N ILE A 53 -1.88 -21.69 -7.89
CA ILE A 53 -3.13 -22.13 -8.58
C ILE A 53 -2.88 -22.59 -9.98
N GLY A 54 -1.63 -22.96 -10.21
CA GLY A 54 -1.16 -23.56 -11.49
C GLY A 54 -1.02 -22.60 -12.62
N VAL A 55 -0.85 -21.30 -12.32
CA VAL A 55 -0.65 -20.29 -13.33
C VAL A 55 0.84 -19.87 -13.23
N ASP A 56 1.48 -19.93 -14.37
CA ASP A 56 2.95 -19.84 -14.42
C ASP A 56 3.31 -18.39 -14.70
N LEU A 57 3.04 -17.52 -13.69
CA LEU A 57 3.26 -16.13 -13.80
C LEU A 57 3.88 -15.53 -12.56
N GLN A 58 4.79 -14.55 -12.76
CA GLN A 58 5.37 -13.83 -11.60
C GLN A 58 4.38 -12.80 -11.08
N LEU A 59 3.44 -13.28 -10.30
CA LEU A 59 2.30 -12.50 -9.77
C LEU A 59 1.99 -13.06 -8.38
N VAL A 60 2.02 -12.19 -7.39
CA VAL A 60 1.58 -12.53 -6.08
C VAL A 60 0.66 -11.52 -5.51
N ILE A 61 -0.25 -12.01 -4.62
CA ILE A 61 -1.08 -11.08 -3.92
C ILE A 61 -0.85 -11.31 -2.44
N PHE A 62 -1.01 -10.27 -1.66
CA PHE A 62 -0.90 -10.38 -0.19
C PHE A 62 -1.57 -9.21 0.52
N GLY A 63 -1.78 -9.41 1.80
CA GLY A 63 -2.35 -8.36 2.66
C GLY A 63 -3.18 -8.89 3.81
N PHE A 64 -3.31 -8.04 4.84
CA PHE A 64 -3.78 -8.44 6.17
C PHE A 64 -4.05 -7.14 6.94
N PRO A 74 0.12 -7.29 13.00
CA PRO A 74 0.77 -6.25 12.21
C PRO A 74 0.16 -6.26 10.81
N ALA A 75 -0.52 -5.17 10.41
CA ALA A 75 -1.25 -5.15 9.15
C ALA A 75 -0.29 -5.05 7.97
N VAL A 76 -0.77 -5.45 6.80
CA VAL A 76 -0.02 -5.45 5.55
C VAL A 76 -0.98 -4.97 4.52
N PRO A 77 -0.61 -3.94 3.75
CA PRO A 77 -1.51 -3.38 2.77
C PRO A 77 -1.85 -4.39 1.67
N PRO A 78 -3.13 -4.52 1.28
CA PRO A 78 -3.51 -5.32 0.11
C PRO A 78 -2.73 -4.85 -1.14
N THR A 79 -1.91 -5.77 -1.65
CA THR A 79 -0.97 -5.54 -2.69
C THR A 79 -1.04 -6.61 -3.77
N ILE A 80 -0.90 -6.23 -5.03
CA ILE A 80 -0.82 -7.14 -6.09
C ILE A 80 0.53 -6.82 -6.74
N LEU A 81 1.48 -7.73 -6.73
CA LEU A 81 2.89 -7.41 -7.11
C LEU A 81 3.33 -8.29 -8.30
N LEU A 82 3.73 -7.70 -9.40
CA LEU A 82 4.17 -8.39 -10.58
C LEU A 82 5.67 -8.24 -10.80
N ASN A 83 6.30 -9.33 -11.31
CA ASN A 83 7.72 -9.31 -11.75
C ASN A 83 8.63 -8.70 -10.67
N PRO A 84 8.59 -9.27 -9.48
CA PRO A 84 9.22 -8.67 -8.32
C PRO A 84 10.70 -8.85 -8.29
N ARG A 85 11.36 -7.88 -7.69
CA ARG A 85 12.78 -8.02 -7.37
C ARG A 85 12.99 -7.58 -5.88
N ILE A 86 13.66 -8.41 -5.09
CA ILE A 86 13.86 -8.13 -3.65
C ILE A 86 15.30 -7.85 -3.43
N THR A 87 15.58 -6.81 -2.63
CA THR A 87 16.98 -6.46 -2.29
C THR A 87 17.10 -6.38 -0.77
N PRO A 88 17.89 -7.26 -0.18
CA PRO A 88 18.01 -7.21 1.28
C PRO A 88 18.65 -5.86 1.66
N LEU A 89 18.13 -5.14 2.67
CA LEU A 89 18.71 -3.83 3.03
C LEU A 89 19.96 -3.91 3.95
N ASP A 90 20.04 -4.98 4.73
CA ASP A 90 21.27 -5.27 5.52
C ASP A 90 21.27 -6.77 5.83
N ASP A 91 22.16 -7.21 6.75
CA ASP A 91 22.45 -8.63 6.95
C ASP A 91 21.62 -9.24 8.01
N GLU A 92 20.90 -8.41 8.77
CA GLU A 92 20.09 -8.89 9.85
C GLU A 92 19.00 -9.86 9.40
N MET A 93 19.01 -11.02 10.06
CA MET A 93 18.01 -12.07 9.90
C MET A 93 17.14 -12.16 11.11
N GLU A 94 15.89 -12.57 10.92
CA GLU A 94 14.93 -12.71 11.98
C GLU A 94 14.14 -14.00 11.80
N GLU A 95 13.84 -14.67 12.91
CA GLU A 95 13.09 -15.89 12.92
C GLU A 95 11.64 -15.66 13.19
N GLY A 96 10.81 -16.39 12.45
CA GLY A 96 9.42 -16.33 12.62
C GLY A 96 8.73 -17.57 12.18
N TRP A 97 7.48 -17.66 12.63
CA TRP A 97 6.63 -18.79 12.23
C TRP A 97 6.10 -18.57 10.81
N GLU A 98 6.17 -19.63 9.99
CA GLU A 98 5.47 -19.65 8.68
C GLU A 98 4.57 -20.84 8.51
N GLY A 99 3.58 -20.64 7.65
CA GLY A 99 2.69 -21.66 7.16
C GLY A 99 2.40 -21.37 5.70
N CYS A 100 1.63 -22.23 5.04
CA CYS A 100 1.36 -22.05 3.64
C CYS A 100 0.18 -22.92 3.33
N LEU A 101 -0.71 -22.43 2.46
CA LEU A 101 -1.90 -23.14 2.04
C LEU A 101 -1.60 -24.43 1.22
N SER A 102 -0.42 -24.45 0.65
CA SER A 102 0.09 -25.56 -0.12
C SER A 102 0.77 -26.61 0.78
N VAL A 103 0.95 -26.26 2.05
CA VAL A 103 1.58 -27.18 3.01
C VAL A 103 0.60 -27.26 4.19
N PRO A 104 -0.64 -27.80 3.97
CA PRO A 104 -1.59 -27.76 5.07
C PRO A 104 -1.13 -28.61 6.23
N GLY A 105 -1.57 -28.20 7.39
CA GLY A 105 -1.36 -28.88 8.67
C GLY A 105 -0.04 -28.73 9.38
N LEU A 106 0.90 -27.96 8.78
CA LEU A 106 2.28 -27.77 9.25
C LEU A 106 2.61 -26.30 9.45
N ARG A 107 3.56 -26.07 10.36
CA ARG A 107 4.16 -24.79 10.59
C ARG A 107 5.64 -25.03 10.76
N GLY A 108 6.45 -24.05 10.42
CA GLY A 108 7.84 -24.07 10.73
C GLY A 108 8.43 -22.72 10.99
N ALA A 109 9.55 -22.73 11.70
CA ALA A 109 10.26 -21.48 11.93
C ALA A 109 11.29 -21.28 10.83
N VAL A 110 11.30 -20.09 10.25
CA VAL A 110 12.19 -19.77 9.15
C VAL A 110 12.89 -18.45 9.39
N SER A 111 14.18 -18.40 9.15
CA SER A 111 15.00 -17.19 9.20
C SER A 111 14.91 -16.42 7.89
N ARG A 112 14.50 -15.16 7.92
CA ARG A 112 14.38 -14.33 6.75
C ARG A 112 15.10 -13.03 6.98
N HIS A 113 15.39 -12.28 5.92
CA HIS A 113 15.89 -10.92 6.06
C HIS A 113 14.90 -10.09 6.87
N ARG A 114 15.39 -9.31 7.84
CA ARG A 114 14.51 -8.47 8.62
C ARG A 114 14.05 -7.28 7.77
N ARG A 115 14.91 -6.75 6.91
CA ARG A 115 14.59 -5.51 6.11
C ARG A 115 14.88 -5.71 4.61
N ILE A 116 13.96 -5.32 3.73
CA ILE A 116 14.14 -5.57 2.32
C ILE A 116 13.56 -4.35 1.61
N ARG A 117 14.04 -4.10 0.43
CA ARG A 117 13.36 -3.26 -0.45
C ARG A 117 12.69 -4.23 -1.46
N TYR A 118 11.43 -4.02 -1.86
CA TYR A 118 10.92 -4.80 -3.00
C TYR A 118 10.41 -3.87 -4.06
N GLN A 119 10.57 -4.31 -5.30
CA GLN A 119 10.22 -3.52 -6.46
C GLN A 119 9.51 -4.47 -7.37
N GLY A 120 8.63 -3.89 -8.14
CA GLY A 120 7.97 -4.64 -9.18
C GLY A 120 6.95 -3.74 -9.89
N LEU A 121 5.93 -4.32 -10.54
CA LEU A 121 4.87 -3.58 -11.17
C LEU A 121 3.51 -3.90 -10.56
N ASP A 122 2.59 -2.90 -10.53
CA ASP A 122 1.20 -3.15 -10.20
C ASP A 122 0.54 -3.63 -11.46
N PRO A 123 -0.74 -3.98 -11.36
CA PRO A 123 -1.43 -4.54 -12.55
C PRO A 123 -1.52 -3.63 -13.77
N GLN A 124 -1.40 -2.31 -13.57
CA GLN A 124 -1.52 -1.32 -14.65
C GLN A 124 -0.11 -1.04 -15.22
N GLY A 125 0.95 -1.63 -14.65
CA GLY A 125 2.32 -1.54 -15.22
C GLY A 125 3.09 -0.43 -14.56
N GLN A 126 2.50 0.20 -13.55
CA GLN A 126 3.15 1.22 -12.75
C GLN A 126 4.08 0.62 -11.75
N PRO A 127 5.20 1.26 -11.57
CA PRO A 127 6.22 0.75 -10.62
C PRO A 127 5.81 0.81 -9.18
N ILE A 128 6.21 -0.22 -8.44
CA ILE A 128 6.14 -0.35 -7.02
C ILE A 128 7.59 -0.33 -6.52
N ASP A 129 7.82 0.44 -5.42
CA ASP A 129 9.15 0.49 -4.78
C ASP A 129 8.93 0.76 -3.30
N ARG A 130 9.14 -0.25 -2.44
CA ARG A 130 8.81 -0.15 -1.01
C ARG A 130 9.93 -0.74 -0.24
N SER A 131 10.23 -0.09 0.88
CA SER A 131 11.15 -0.66 1.86
C SER A 131 10.42 -0.99 3.12
N VAL A 132 10.62 -2.19 3.64
CA VAL A 132 9.71 -2.74 4.64
C VAL A 132 10.55 -3.59 5.59
N GLU A 133 9.94 -3.93 6.70
CA GLU A 133 10.61 -4.63 7.80
C GLU A 133 9.64 -5.57 8.47
N GLY A 134 10.21 -6.56 9.20
CA GLY A 134 9.39 -7.48 9.95
C GLY A 134 8.40 -8.39 9.21
N PHE A 135 7.17 -8.45 9.70
CA PHE A 135 6.17 -9.33 9.15
C PHE A 135 5.87 -9.01 7.65
N HIS A 136 5.71 -7.74 7.33
CA HIS A 136 5.54 -7.32 5.90
C HIS A 136 6.71 -7.85 5.06
N ALA A 137 7.93 -7.64 5.50
CA ALA A 137 9.13 -8.17 4.85
C ALA A 137 9.10 -9.72 4.69
N ARG A 138 8.63 -10.37 5.71
CA ARG A 138 8.54 -11.84 5.74
C ARG A 138 7.53 -12.31 4.73
N VAL A 139 6.38 -11.67 4.67
CA VAL A 139 5.31 -12.07 3.72
C VAL A 139 5.78 -11.99 2.28
N VAL A 140 6.48 -10.89 1.99
CA VAL A 140 6.95 -10.65 0.60
C VAL A 140 8.00 -11.70 0.17
N GLN A 141 8.92 -12.00 1.08
CA GLN A 141 9.94 -13.03 0.84
C GLN A 141 9.29 -14.41 0.61
N HIS A 142 8.33 -14.76 1.43
CA HIS A 142 7.63 -16.02 1.32
C HIS A 142 6.88 -16.10 0.02
N GLU A 143 6.09 -15.09 -0.33
CA GLU A 143 5.41 -15.10 -1.64
C GLU A 143 6.33 -15.14 -2.80
N CYS A 144 7.36 -14.30 -2.81
CA CYS A 144 8.30 -14.26 -3.90
C CYS A 144 9.10 -15.59 -4.08
N ASP A 145 9.32 -16.32 -2.95
CA ASP A 145 9.91 -17.66 -3.03
C ASP A 145 9.06 -18.67 -3.88
N HIS A 146 7.71 -18.55 -3.88
CA HIS A 146 6.90 -19.40 -4.77
C HIS A 146 7.28 -19.18 -6.22
N LEU A 147 7.74 -17.98 -6.55
CA LEU A 147 8.02 -17.68 -7.99
C LEU A 147 9.31 -18.26 -8.52
N ILE A 148 10.13 -18.77 -7.59
CA ILE A 148 11.36 -19.48 -7.94
C ILE A 148 11.33 -20.92 -7.44
N GLY A 149 10.13 -21.43 -7.22
CA GLY A 149 9.95 -22.81 -6.83
C GLY A 149 10.43 -23.26 -5.47
N ARG A 150 10.39 -22.35 -4.51
CA ARG A 150 10.86 -22.58 -3.15
C ARG A 150 9.70 -22.48 -2.24
N LEU A 151 9.44 -23.59 -1.53
CA LEU A 151 8.50 -23.63 -0.40
C LEU A 151 9.24 -23.51 0.92
N TYR A 152 8.53 -23.15 1.98
CA TYR A 152 9.26 -22.74 3.19
C TYR A 152 10.02 -23.95 3.84
N PRO A 153 9.52 -25.21 3.73
CA PRO A 153 10.50 -26.22 4.25
C PRO A 153 11.93 -26.21 3.71
N SER A 154 12.15 -25.87 2.45
CA SER A 154 13.45 -25.73 1.85
C SER A 154 14.33 -24.55 2.37
N ARG A 155 13.79 -23.69 3.22
CA ARG A 155 14.47 -22.55 3.87
C ARG A 155 14.70 -22.81 5.34
N ILE A 156 14.15 -23.88 5.89
CA ILE A 156 14.29 -24.13 7.35
C ILE A 156 15.68 -24.57 7.69
N THR A 157 16.19 -23.97 8.78
CA THR A 157 17.47 -24.37 9.33
C THR A 157 17.34 -25.10 10.66
N ASP A 158 16.34 -24.74 11.47
CA ASP A 158 16.06 -25.34 12.79
C ASP A 158 14.88 -26.29 12.71
N PHE A 159 15.23 -27.57 12.50
CA PHE A 159 14.21 -28.53 12.35
C PHE A 159 13.46 -28.93 13.65
N SER A 160 13.97 -28.58 14.82
CA SER A 160 13.21 -28.65 16.07
C SER A 160 11.94 -27.86 16.08
N LYS A 161 11.82 -26.89 15.17
CA LYS A 161 10.63 -26.06 15.12
C LYS A 161 9.74 -26.32 13.90
N PHE A 162 9.90 -27.48 13.25
CA PHE A 162 9.05 -27.84 12.13
C PHE A 162 8.12 -28.94 12.56
N GLY A 163 6.82 -28.73 12.48
CA GLY A 163 5.91 -29.72 13.01
C GLY A 163 4.51 -29.55 12.63
N PHE A 164 3.66 -30.41 13.17
CA PHE A 164 2.23 -30.38 12.83
C PHE A 164 1.58 -29.31 13.67
N THR A 165 0.65 -28.56 13.10
CA THR A 165 0.01 -27.39 13.80
C THR A 165 -0.70 -27.82 15.08
N GLU A 166 -1.52 -28.86 14.91
CA GLU A 166 -2.18 -29.58 15.99
C GLU A 166 -1.22 -29.94 17.17
N VAL A 167 0.07 -30.17 16.90
CA VAL A 167 1.09 -30.56 17.90
C VAL A 167 1.94 -29.40 18.43
N LEU A 168 2.59 -28.66 17.54
CA LEU A 168 3.21 -27.38 17.87
C LEU A 168 2.12 -26.39 18.28
N ILE B 1 -19.55 10.45 10.62
CA ILE B 1 -19.40 11.56 9.64
C ILE B 1 -19.12 12.87 10.41
N ARG B 2 -17.92 13.41 10.22
CA ARG B 2 -17.42 14.57 10.93
C ARG B 2 -17.59 15.74 9.94
N GLU B 3 -17.82 16.95 10.42
CA GLU B 3 -17.96 18.07 9.48
C GLU B 3 -16.59 18.29 8.84
N ILE B 4 -16.56 18.45 7.51
CA ILE B 4 -15.35 18.95 6.79
C ILE B 4 -15.33 20.47 6.80
N LEU B 5 -14.23 20.99 7.30
CA LEU B 5 -14.05 22.42 7.46
C LEU B 5 -13.73 23.01 6.11
N LYS B 6 -14.29 24.20 5.88
CA LYS B 6 -14.18 24.87 4.60
C LYS B 6 -13.11 25.92 4.65
N MET B 7 -12.45 26.06 3.48
CA MET B 7 -11.40 27.08 3.26
C MET B 7 -11.87 28.43 3.81
N GLY B 8 -11.02 29.08 4.62
CA GLY B 8 -11.38 30.29 5.42
C GLY B 8 -11.31 29.99 6.91
N ASP B 9 -11.53 28.74 7.29
CA ASP B 9 -11.48 28.38 8.72
C ASP B 9 -10.03 28.36 9.15
N GLU B 10 -9.73 29.10 10.21
CA GLU B 10 -8.38 29.33 10.73
C GLU B 10 -7.64 28.04 11.06
N ARG B 11 -8.41 27.02 11.41
CA ARG B 11 -7.84 25.72 11.80
C ARG B 11 -7.12 24.98 10.65
N LEU B 12 -7.47 25.35 9.40
CA LEU B 12 -6.86 24.72 8.23
C LEU B 12 -5.51 25.29 7.96
N LEU B 13 -5.13 26.38 8.63
CA LEU B 13 -3.84 27.07 8.35
C LEU B 13 -2.78 26.73 9.42
N ARG B 14 -3.16 25.90 10.36
CA ARG B 14 -2.25 25.52 11.46
C ARG B 14 -1.23 24.51 10.96
N ILE B 15 -0.09 24.51 11.65
CA ILE B 15 0.95 23.49 11.51
C ILE B 15 0.52 22.34 12.47
N ALA B 16 0.29 21.16 11.91
CA ALA B 16 -0.34 20.08 12.63
C ALA B 16 0.68 19.46 13.59
N GLN B 17 0.19 19.11 14.82
CA GLN B 17 1.06 18.48 15.86
C GLN B 17 1.31 17.04 15.48
N PRO B 18 2.46 16.47 15.87
CA PRO B 18 2.70 15.04 15.54
C PRO B 18 1.78 14.11 16.31
N VAL B 19 1.45 12.93 15.79
CA VAL B 19 0.69 11.96 16.59
C VAL B 19 1.69 11.51 17.72
N PRO B 20 1.26 11.54 18.99
CA PRO B 20 2.14 10.97 19.98
C PRO B 20 2.32 9.46 19.86
N SER B 21 3.53 8.97 20.14
CA SER B 21 3.85 7.53 20.04
C SER B 21 2.95 6.69 20.99
N GLU B 22 2.58 7.34 22.11
CA GLU B 22 1.68 6.73 23.05
C GLU B 22 0.35 6.32 22.45
N LEU B 23 -0.10 7.02 21.42
CA LEU B 23 -1.39 6.71 20.78
C LEU B 23 -1.39 5.60 19.69
N LEU B 24 -0.22 5.16 19.32
CA LEU B 24 -0.04 4.10 18.26
C LEU B 24 -0.67 2.81 18.78
N GLY B 25 -1.53 2.23 17.95
CA GLY B 25 -2.22 0.98 18.27
C GLY B 25 -3.34 1.19 19.31
N SER B 26 -3.68 2.43 19.69
CA SER B 26 -4.84 2.70 20.54
C SER B 26 -6.16 2.60 19.75
N GLU B 27 -7.22 2.23 20.49
CA GLU B 27 -8.62 2.26 20.02
C GLU B 27 -9.05 3.68 19.68
N GLU B 28 -8.61 4.69 20.42
CA GLU B 28 -8.97 6.08 20.10
C GLU B 28 -8.39 6.50 18.76
N LEU B 29 -7.17 6.10 18.49
CA LEU B 29 -6.56 6.49 17.17
C LEU B 29 -7.34 5.72 16.10
N GLN B 30 -7.63 4.45 16.39
CA GLN B 30 -8.42 3.67 15.47
C GLN B 30 -9.82 4.27 15.19
N ARG B 31 -10.46 4.81 16.23
CA ARG B 31 -11.80 5.38 16.10
C ARG B 31 -11.76 6.65 15.27
N LEU B 32 -10.70 7.45 15.39
CA LEU B 32 -10.51 8.64 14.55
C LEU B 32 -10.35 8.23 13.08
N ILE B 33 -9.50 7.23 12.86
CA ILE B 33 -9.25 6.69 11.53
C ILE B 33 -10.53 6.18 10.89
N ASP B 34 -11.29 5.35 11.61
CA ASP B 34 -12.59 4.88 11.11
C ASP B 34 -13.51 6.09 10.76
N ASP B 35 -13.59 7.12 11.64
CA ASP B 35 -14.38 8.34 11.40
C ASP B 35 -13.89 9.02 10.11
N MET B 36 -12.56 9.10 9.93
CA MET B 36 -12.03 9.76 8.72
C MET B 36 -12.37 8.97 7.43
N PHE B 37 -12.22 7.63 7.46
CA PHE B 37 -12.62 6.77 6.32
C PHE B 37 -14.08 6.94 5.99
N GLU B 38 -14.91 6.94 7.02
CA GLU B 38 -16.34 7.06 6.79
C GLU B 38 -16.68 8.46 6.26
N THR B 39 -16.11 9.50 6.83
CA THR B 39 -16.30 10.86 6.32
C THR B 39 -15.85 10.94 4.83
N MET B 40 -14.68 10.38 4.51
CA MET B 40 -14.15 10.45 3.12
C MET B 40 -15.07 9.75 2.11
N HIS B 41 -15.36 8.47 2.36
CA HIS B 41 -16.27 7.67 1.51
C HIS B 41 -17.63 8.37 1.34
N HIS B 42 -18.20 8.98 2.39
CA HIS B 42 -19.54 9.61 2.25
C HIS B 42 -19.58 10.77 1.26
N VAL B 43 -18.48 11.55 1.18
CA VAL B 43 -18.36 12.70 0.24
C VAL B 43 -17.60 12.33 -1.04
N GLY B 44 -17.06 11.11 -1.09
CA GLY B 44 -16.47 10.59 -2.27
C GLY B 44 -15.07 11.11 -2.52
N GLY B 45 -14.36 11.53 -1.49
CA GLY B 45 -12.96 11.95 -1.70
C GLY B 45 -11.97 10.80 -1.95
N VAL B 46 -10.78 11.18 -2.42
CA VAL B 46 -9.67 10.25 -2.53
C VAL B 46 -8.61 10.44 -1.37
N GLY B 47 -8.76 11.54 -0.63
CA GLY B 47 -7.94 11.83 0.51
C GLY B 47 -8.62 12.69 1.58
N LEU B 48 -8.19 12.50 2.82
CA LEU B 48 -8.64 13.36 3.87
C LEU B 48 -7.55 13.49 4.92
N ALA B 49 -7.34 14.71 5.46
CA ALA B 49 -6.31 14.98 6.40
C ALA B 49 -7.02 15.34 7.74
N ALA B 50 -6.46 14.93 8.83
CA ALA B 50 -7.17 15.09 10.14
C ALA B 50 -7.53 16.61 10.42
N PRO B 51 -6.72 17.53 9.97
CA PRO B 51 -7.06 18.93 10.28
C PRO B 51 -8.33 19.38 9.54
N GLN B 52 -8.72 18.69 8.45
CA GLN B 52 -9.89 19.04 7.65
C GLN B 52 -11.19 18.67 8.43
N ILE B 53 -11.05 17.85 9.45
CA ILE B 53 -12.20 17.59 10.38
C ILE B 53 -12.04 18.04 11.81
N GLY B 54 -11.21 19.03 12.00
CA GLY B 54 -11.00 19.69 13.28
C GLY B 54 -9.94 19.11 14.18
N VAL B 55 -9.13 18.17 13.66
CA VAL B 55 -8.27 17.37 14.53
C VAL B 55 -6.89 17.70 14.21
N ASP B 56 -6.23 18.35 15.14
CA ASP B 56 -4.89 18.87 14.90
C ASP B 56 -3.86 17.75 15.11
N LEU B 57 -3.71 16.90 14.10
CA LEU B 57 -2.76 15.77 14.16
C LEU B 57 -2.21 15.51 12.77
N GLN B 58 -0.98 14.99 12.73
CA GLN B 58 -0.27 14.71 11.45
C GLN B 58 -0.70 13.32 11.01
N LEU B 59 -1.91 13.26 10.49
CA LEU B 59 -2.51 12.02 10.06
C LEU B 59 -3.27 12.32 8.78
N VAL B 60 -3.04 11.48 7.79
CA VAL B 60 -3.82 11.55 6.56
C VAL B 60 -4.22 10.17 6.14
N ILE B 61 -5.30 10.12 5.34
CA ILE B 61 -5.72 8.92 4.73
C ILE B 61 -5.91 9.16 3.24
N PHE B 62 -5.76 8.13 2.43
CA PHE B 62 -5.95 8.30 0.98
C PHE B 62 -6.05 6.93 0.39
N GLY B 63 -6.79 6.86 -0.70
CA GLY B 63 -6.85 5.61 -1.45
C GLY B 63 -7.73 5.83 -2.63
N PHE B 64 -7.52 5.02 -3.66
CA PHE B 64 -8.29 5.10 -4.91
C PHE B 64 -8.30 3.71 -5.55
N GLU B 65 -9.48 3.05 -5.52
CA GLU B 65 -9.65 1.68 -6.11
C GLU B 65 -9.82 1.77 -7.63
N PRO B 74 -5.43 5.20 -12.47
CA PRO B 74 -4.24 4.84 -11.69
C PRO B 74 -4.62 4.60 -10.21
N ALA B 75 -4.28 3.43 -9.67
CA ALA B 75 -4.83 2.93 -8.42
C ALA B 75 -3.87 3.14 -7.26
N VAL B 76 -4.38 3.69 -6.16
CA VAL B 76 -3.55 4.05 -5.04
C VAL B 76 -4.06 3.27 -3.84
N PRO B 77 -3.19 2.57 -3.16
CA PRO B 77 -3.66 1.67 -2.13
C PRO B 77 -4.19 2.44 -0.91
N PRO B 78 -5.26 1.95 -0.24
CA PRO B 78 -5.72 2.63 0.99
C PRO B 78 -4.58 2.65 2.01
N THR B 79 -4.33 3.83 2.54
CA THR B 79 -3.19 4.09 3.35
C THR B 79 -3.58 5.05 4.38
N ILE B 80 -2.99 4.85 5.53
CA ILE B 80 -3.07 5.72 6.69
C ILE B 80 -1.69 6.10 7.06
N LEU B 81 -1.38 7.37 6.92
CA LEU B 81 -0.02 7.80 7.04
C LEU B 81 0.07 8.83 8.17
N LEU B 82 0.89 8.51 9.14
CA LEU B 82 1.11 9.35 10.30
C LEU B 82 2.46 9.99 10.29
N ASN B 83 2.55 11.24 10.76
CA ASN B 83 3.83 11.92 11.00
C ASN B 83 4.76 11.87 9.77
N PRO B 84 4.27 12.37 8.64
CA PRO B 84 4.95 12.02 7.39
C PRO B 84 6.14 12.90 7.07
N ARG B 85 7.01 12.42 6.14
CA ARG B 85 8.14 13.22 5.57
C ARG B 85 8.18 12.90 4.10
N ILE B 86 8.15 13.92 3.27
CA ILE B 86 8.25 13.74 1.84
C ILE B 86 9.60 14.24 1.37
N THR B 87 10.16 13.50 0.44
CA THR B 87 11.43 13.87 -0.19
C THR B 87 11.33 13.76 -1.70
N PRO B 88 11.46 14.87 -2.41
CA PRO B 88 11.43 14.82 -3.89
C PRO B 88 12.65 14.01 -4.38
N LEU B 89 12.48 13.18 -5.40
CA LEU B 89 13.54 12.28 -5.84
C LEU B 89 14.35 12.94 -7.02
N ASP B 90 13.85 14.04 -7.56
CA ASP B 90 14.49 14.76 -8.67
C ASP B 90 13.77 16.07 -8.78
N ASP B 91 14.11 16.85 -9.81
CA ASP B 91 13.63 18.21 -9.90
C ASP B 91 12.41 18.32 -10.78
N GLU B 92 11.93 17.22 -11.34
CA GLU B 92 10.90 17.31 -12.37
C GLU B 92 9.50 17.53 -11.75
N MET B 93 8.75 18.40 -12.37
CA MET B 93 7.44 18.84 -11.92
C MET B 93 6.44 18.40 -12.96
N GLU B 94 5.19 18.12 -12.53
CA GLU B 94 4.12 17.71 -13.46
C GLU B 94 2.88 18.48 -13.03
N GLU B 95 2.12 18.97 -13.98
CA GLU B 95 0.84 19.64 -13.73
C GLU B 95 -0.36 18.66 -13.84
N GLY B 96 -1.36 18.82 -12.96
CA GLY B 96 -2.56 18.01 -13.01
C GLY B 96 -3.66 18.68 -12.29
N TRP B 97 -4.84 18.18 -12.45
CA TRP B 97 -6.01 18.79 -11.86
C TRP B 97 -6.15 18.36 -10.44
N GLU B 98 -6.55 19.31 -9.63
CA GLU B 98 -6.86 19.03 -8.20
C GLU B 98 -8.15 19.65 -7.70
N GLY B 99 -8.68 19.04 -6.63
CA GLY B 99 -9.88 19.53 -5.94
C GLY B 99 -9.76 18.98 -4.53
N CYS B 100 -10.64 19.43 -3.65
CA CYS B 100 -10.48 19.24 -2.22
C CYS B 100 -11.86 19.46 -1.64
N LEU B 101 -12.23 18.61 -0.66
CA LEU B 101 -13.51 18.70 0.05
C LEU B 101 -13.64 20.00 0.83
N SER B 102 -12.51 20.58 1.21
CA SER B 102 -12.52 21.84 1.92
C SER B 102 -12.70 23.05 0.97
N VAL B 103 -12.67 22.81 -0.34
CA VAL B 103 -12.74 23.87 -1.40
C VAL B 103 -13.83 23.40 -2.35
N PRO B 104 -15.05 23.20 -1.87
CA PRO B 104 -16.15 22.65 -2.66
C PRO B 104 -16.57 23.48 -3.89
N GLY B 105 -16.76 22.78 -5.01
CA GLY B 105 -17.24 23.36 -6.27
C GLY B 105 -16.14 23.84 -7.28
N LEU B 106 -14.87 23.76 -6.87
CA LEU B 106 -13.75 24.25 -7.66
C LEU B 106 -12.76 23.20 -8.07
N ARG B 107 -12.00 23.50 -9.13
CA ARG B 107 -10.87 22.68 -9.47
C ARG B 107 -9.76 23.62 -9.85
N GLY B 108 -8.57 23.16 -9.69
CA GLY B 108 -7.39 23.95 -10.18
C GLY B 108 -6.29 23.03 -10.59
N ALA B 109 -5.44 23.55 -11.49
CA ALA B 109 -4.29 22.78 -11.94
C ALA B 109 -3.08 23.24 -11.15
N VAL B 110 -2.32 22.29 -10.69
CA VAL B 110 -1.28 22.48 -9.78
C VAL B 110 -0.07 21.69 -10.21
N SER B 111 1.08 22.36 -10.27
CA SER B 111 2.35 21.69 -10.49
C SER B 111 2.86 21.04 -9.16
N ARG B 112 3.15 19.73 -9.16
CA ARG B 112 3.78 19.03 -8.05
C ARG B 112 5.01 18.24 -8.54
N HIS B 113 5.76 17.75 -7.59
CA HIS B 113 6.86 16.80 -7.88
C HIS B 113 6.33 15.57 -8.56
N ARG B 114 6.96 15.18 -9.68
CA ARG B 114 6.58 13.96 -10.34
C ARG B 114 6.87 12.69 -9.56
N ARG B 115 7.95 12.65 -8.83
CA ARG B 115 8.43 11.48 -8.14
C ARG B 115 8.85 11.89 -6.69
N ILE B 116 8.39 11.20 -5.68
CA ILE B 116 8.73 11.54 -4.25
C ILE B 116 9.00 10.18 -3.55
N ARG B 117 9.74 10.22 -2.46
CA ARG B 117 9.80 9.20 -1.45
C ARG B 117 8.87 9.74 -0.40
N TYR B 118 8.02 8.90 0.17
CA TYR B 118 7.34 9.36 1.43
C TYR B 118 7.58 8.34 2.52
N GLN B 119 7.75 8.90 3.72
CA GLN B 119 7.94 8.10 4.94
C GLN B 119 6.96 8.55 6.00
N GLY B 120 6.74 7.67 6.92
CA GLY B 120 5.92 8.00 8.09
C GLY B 120 5.70 6.72 8.86
N LEU B 121 4.61 6.72 9.60
CA LEU B 121 4.19 5.57 10.41
C LEU B 121 2.82 5.10 10.06
N ASP B 122 2.55 3.81 10.20
CA ASP B 122 1.20 3.27 10.10
C ASP B 122 0.56 3.42 11.52
N PRO B 123 -0.72 3.21 11.66
CA PRO B 123 -1.42 3.33 12.96
C PRO B 123 -0.92 2.44 14.07
N GLN B 124 -0.20 1.36 13.77
CA GLN B 124 0.44 0.49 14.74
C GLN B 124 1.88 0.84 15.06
N GLY B 125 2.42 1.85 14.40
CA GLY B 125 3.71 2.34 14.60
C GLY B 125 4.73 1.68 13.67
N GLN B 126 4.28 0.89 12.70
CA GLN B 126 5.30 0.33 11.76
C GLN B 126 5.71 1.44 10.78
N PRO B 127 6.98 1.53 10.44
CA PRO B 127 7.36 2.55 9.41
C PRO B 127 6.88 2.22 8.02
N ILE B 128 6.56 3.27 7.30
CA ILE B 128 6.22 3.34 5.85
C ILE B 128 7.37 4.02 5.14
N ASP B 129 7.77 3.46 3.99
CA ASP B 129 8.88 3.98 3.20
C ASP B 129 8.58 3.59 1.73
N ARG B 130 8.06 4.52 0.95
CA ARG B 130 7.59 4.19 -0.40
C ARG B 130 8.14 5.24 -1.33
N SER B 131 8.49 4.84 -2.55
CA SER B 131 8.85 5.76 -3.60
C SER B 131 7.84 5.64 -4.75
N VAL B 132 7.24 6.74 -5.16
CA VAL B 132 6.05 6.68 -6.03
C VAL B 132 6.12 7.83 -7.01
N GLU B 133 5.24 7.75 -8.00
CA GLU B 133 5.18 8.68 -9.09
C GLU B 133 3.78 9.05 -9.48
N GLY B 134 3.67 10.11 -10.29
CA GLY B 134 2.45 10.55 -10.86
C GLY B 134 1.32 10.82 -9.86
N PHE B 135 0.16 10.28 -10.16
CA PHE B 135 -1.02 10.53 -9.38
C PHE B 135 -0.82 10.13 -7.89
N HIS B 136 -0.24 8.97 -7.62
CA HIS B 136 0.04 8.57 -6.21
C HIS B 136 0.92 9.66 -5.49
N ALA B 137 1.97 10.13 -6.17
CA ALA B 137 2.85 11.17 -5.68
C ALA B 137 2.07 12.45 -5.43
N ARG B 138 1.23 12.80 -6.38
CA ARG B 138 0.32 13.99 -6.18
C ARG B 138 -0.63 13.94 -5.00
N VAL B 139 -1.32 12.82 -4.87
CA VAL B 139 -2.25 12.60 -3.70
C VAL B 139 -1.52 12.82 -2.40
N VAL B 140 -0.33 12.27 -2.28
CA VAL B 140 0.43 12.35 -1.05
C VAL B 140 0.87 13.75 -0.78
N GLN B 141 1.36 14.42 -1.81
CA GLN B 141 1.73 15.79 -1.62
C GLN B 141 0.55 16.70 -1.23
N HIS B 142 -0.59 16.57 -1.89
CA HIS B 142 -1.81 17.30 -1.59
C HIS B 142 -2.22 17.07 -0.14
N GLU B 143 -2.16 15.83 0.34
CA GLU B 143 -2.64 15.55 1.70
C GLU B 143 -1.67 16.08 2.71
N CYS B 144 -0.38 15.89 2.48
CA CYS B 144 0.67 16.38 3.34
C CYS B 144 0.63 17.86 3.46
N ASP B 145 0.18 18.56 2.41
CA ASP B 145 0.07 20.03 2.47
C ASP B 145 -0.91 20.48 3.54
N HIS B 146 -1.97 19.70 3.73
CA HIS B 146 -2.94 20.00 4.77
C HIS B 146 -2.25 20.12 6.16
N LEU B 147 -1.22 19.31 6.38
CA LEU B 147 -0.48 19.30 7.68
C LEU B 147 0.42 20.48 7.99
N ILE B 148 0.72 21.29 6.96
CA ILE B 148 1.52 22.52 7.03
C ILE B 148 0.70 23.74 6.63
N GLY B 149 -0.63 23.56 6.76
CA GLY B 149 -1.61 24.67 6.64
C GLY B 149 -1.68 25.24 5.25
N ARG B 150 -1.60 24.37 4.25
CA ARG B 150 -1.51 24.78 2.81
C ARG B 150 -2.61 24.08 2.08
N LEU B 151 -3.54 24.84 1.44
CA LEU B 151 -4.51 24.32 0.52
C LEU B 151 -4.06 24.60 -0.92
N TYR B 152 -4.62 23.87 -1.87
CA TYR B 152 -4.06 23.93 -3.21
C TYR B 152 -4.18 25.30 -3.91
N PRO B 153 -5.19 26.16 -3.60
CA PRO B 153 -5.09 27.46 -4.29
C PRO B 153 -3.76 28.25 -4.07
N SER B 154 -3.16 28.11 -2.87
CA SER B 154 -1.87 28.64 -2.55
C SER B 154 -0.65 28.09 -3.29
N ARG B 155 -0.87 27.00 -4.05
CA ARG B 155 0.12 26.30 -4.87
C ARG B 155 -0.05 26.61 -6.34
N ILE B 156 -1.21 27.13 -6.72
CA ILE B 156 -1.51 27.46 -8.14
C ILE B 156 -0.52 28.50 -8.70
N THR B 157 0.02 28.20 -9.89
CA THR B 157 0.68 29.23 -10.68
C THR B 157 -0.05 29.64 -11.98
N ASP B 158 -0.88 28.77 -12.57
CA ASP B 158 -1.63 29.14 -13.75
C ASP B 158 -3.08 29.32 -13.38
N PHE B 159 -3.46 30.56 -13.12
CA PHE B 159 -4.82 30.90 -12.73
C PHE B 159 -5.83 30.88 -13.83
N SER B 160 -5.38 30.62 -15.03
CA SER B 160 -6.31 30.39 -16.11
C SER B 160 -6.96 29.04 -15.96
N LYS B 161 -6.38 28.18 -15.10
CA LYS B 161 -6.88 26.85 -14.95
C LYS B 161 -7.55 26.67 -13.56
N PHE B 162 -7.91 27.76 -12.90
CA PHE B 162 -8.62 27.67 -11.58
C PHE B 162 -10.08 28.12 -11.85
N GLY B 163 -11.09 27.30 -11.55
CA GLY B 163 -12.46 27.74 -11.76
C GLY B 163 -13.45 26.81 -11.15
N PHE B 164 -14.72 27.07 -11.39
CA PHE B 164 -15.81 26.17 -10.92
C PHE B 164 -15.86 24.92 -11.75
N THR B 165 -15.97 23.78 -11.10
CA THR B 165 -15.93 22.50 -11.77
C THR B 165 -16.89 22.39 -12.97
N GLU B 166 -18.10 22.87 -12.75
CA GLU B 166 -19.20 22.89 -13.75
C GLU B 166 -18.89 23.75 -14.96
N VAL B 167 -18.03 24.74 -14.78
CA VAL B 167 -17.67 25.65 -15.87
C VAL B 167 -16.51 25.09 -16.64
N LEU B 168 -15.46 24.71 -15.89
CA LEU B 168 -14.35 23.98 -16.43
C LEU B 168 -14.69 22.65 -17.12
N PHE B 169 -15.59 21.85 -16.57
CA PHE B 169 -15.93 20.57 -17.20
C PHE B 169 -17.42 20.46 -17.52
N PRO B 170 -17.87 21.25 -18.53
CA PRO B 170 -19.31 21.28 -18.79
C PRO B 170 -19.79 20.03 -19.54
NI NI C . 3.05 -20.31 0.71
NI NI D . -7.62 18.63 0.34
C1 GOL E . -5.72 14.76 -4.24
O1 GOL E . -6.99 15.14 -3.74
C2 GOL E . -5.52 15.15 -5.71
O2 GOL E . -6.20 14.25 -6.58
C3 GOL E . -6.11 16.50 -6.02
O3 GOL E . -7.51 16.60 -5.73
#